data_9MX8
#
_entry.id   9MX8
#
_cell.length_a   91.539
_cell.length_b   91.539
_cell.length_c   180.728
_cell.angle_alpha   90.00
_cell.angle_beta   90.00
_cell.angle_gamma   120.00
#
_symmetry.space_group_name_H-M   'P 32 2 1'
#
loop_
_entity.id
_entity.type
_entity.pdbx_description
1 polymer 'Friend leukemia integration 1 transcription factor'
2 polymer "DNA (5'-D(P*GP*AP*CP*CP*GP*GP*AP*AP*GP*GP*AP*AP*GP*GP*AP*AP*GP*TP*G)-3')"
3 polymer "DNA (5'-D(*CP*AP*CP*TP*TP*CP*CP*TP*TP*CP*CP*TP*TP*CP*CP*GP*GP*TP*C)-3')"
#
loop_
_entity_poly.entity_id
_entity_poly.type
_entity_poly.pdbx_seq_one_letter_code
_entity_poly.pdbx_strand_id
1 'polypeptide(L)'
;GPHMQPDPYQILGPTSSRLANPGSGQIQLWQFLLELLSDSANASCITWEGTNGEFKMTDPDEVARRWGERKSKPNMNYDK
LSRALRYYYDKNIMTKVHGKRYAYKFDAHGIAQALQPHPTE
;
A,C,D
2 'polydeoxyribonucleotide' (DG)(DA)(DC)(DC)(DG)(DG)(DA)(DA)(DG)(DG)(DA)(DA)(DG)(DG)(DA)(DA)(DG)(DT)(DG) E
3 'polydeoxyribonucleotide' (DC)(DA)(DC)(DT)(DT)(DC)(DC)(DT)(DT)(DC)(DC)(DT)(DT)(DC)(DC)(DG)(DG)(DT)(DC) F
#
# COMPACT_ATOMS: atom_id res chain seq x y z
N PRO A 8 -27.50 6.94 12.18
CA PRO A 8 -27.63 7.27 13.60
C PRO A 8 -28.56 6.27 14.32
N TYR A 9 -29.73 6.74 14.79
CA TYR A 9 -30.81 5.89 15.37
C TYR A 9 -31.38 4.98 14.28
N GLN A 10 -31.62 5.54 13.09
CA GLN A 10 -32.18 4.84 11.90
C GLN A 10 -31.31 3.62 11.55
N ILE A 11 -29.99 3.80 11.47
CA ILE A 11 -28.99 2.74 11.11
C ILE A 11 -28.97 1.67 12.21
N LEU A 12 -29.23 2.06 13.47
CA LEU A 12 -29.23 1.14 14.64
C LEU A 12 -30.42 0.16 14.56
N GLY A 13 -31.36 0.38 13.64
CA GLY A 13 -32.40 -0.59 13.26
C GLY A 13 -31.79 -1.88 12.72
N PRO A 14 -31.19 -1.86 11.51
CA PRO A 14 -30.44 -3.00 10.95
C PRO A 14 -29.46 -3.71 11.90
N THR A 15 -28.63 -2.94 12.62
CA THR A 15 -27.49 -3.44 13.43
C THR A 15 -28.01 -4.28 14.62
N SER A 16 -28.98 -3.75 15.37
CA SER A 16 -29.57 -4.37 16.58
C SER A 16 -30.50 -5.53 16.20
N SER A 17 -31.07 -5.52 14.99
CA SER A 17 -31.96 -6.57 14.45
C SER A 17 -31.12 -7.79 14.02
N ARG A 18 -29.88 -7.57 13.57
CA ARG A 18 -28.91 -8.65 13.22
C ARG A 18 -28.22 -9.14 14.49
N LEU A 19 -27.84 -8.22 15.39
CA LEU A 19 -27.33 -8.55 16.76
C LEU A 19 -28.29 -9.56 17.40
N ALA A 20 -29.57 -9.52 17.01
CA ALA A 20 -30.59 -10.56 17.25
C ALA A 20 -30.65 -11.51 16.04
N ILE A 27 -20.28 -14.31 13.28
CA ILE A 27 -20.44 -12.83 13.42
C ILE A 27 -19.58 -12.12 12.36
N GLN A 28 -20.23 -11.43 11.42
CA GLN A 28 -19.56 -10.72 10.30
C GLN A 28 -18.92 -9.41 10.81
N LEU A 29 -18.04 -8.80 10.01
CA LEU A 29 -17.19 -7.64 10.41
C LEU A 29 -18.01 -6.34 10.43
N TRP A 30 -18.89 -6.13 9.45
CA TRP A 30 -19.76 -4.93 9.38
C TRP A 30 -20.67 -4.88 10.60
N GLN A 31 -21.21 -6.03 11.00
CA GLN A 31 -22.06 -6.19 12.22
C GLN A 31 -21.25 -5.71 13.44
N PHE A 32 -19.99 -6.15 13.55
CA PHE A 32 -19.08 -5.81 14.67
C PHE A 32 -18.74 -4.32 14.66
N LEU A 33 -18.61 -3.71 13.48
CA LEU A 33 -18.28 -2.27 13.33
C LEU A 33 -19.44 -1.42 13.87
N LEU A 34 -20.69 -1.85 13.63
CA LEU A 34 -21.92 -1.14 14.08
C LEU A 34 -22.19 -1.46 15.56
N GLU A 35 -21.70 -2.61 16.03
CA GLU A 35 -21.68 -3.00 17.47
C GLU A 35 -20.78 -2.02 18.24
N LEU A 36 -19.75 -1.47 17.58
CA LEU A 36 -18.82 -0.47 18.17
C LEU A 36 -19.45 0.93 18.10
N LEU A 37 -20.14 1.25 17.01
CA LEU A 37 -20.76 2.58 16.77
C LEU A 37 -22.02 2.75 17.65
N SER A 38 -22.57 1.65 18.16
CA SER A 38 -23.72 1.62 19.11
C SER A 38 -23.31 2.29 20.43
N ASP A 39 -24.10 3.27 20.88
CA ASP A 39 -23.77 4.14 22.05
C ASP A 39 -22.52 4.95 21.71
N SER A 40 -21.52 4.95 22.60
CA SER A 40 -20.19 5.57 22.42
C SER A 40 -19.27 5.13 23.58
N ALA A 41 -18.24 5.93 23.90
CA ALA A 41 -17.09 5.53 24.77
C ALA A 41 -16.05 4.83 23.88
N ASN A 42 -16.51 4.28 22.74
CA ASN A 42 -15.67 3.70 21.66
C ASN A 42 -15.34 4.80 20.63
N ALA A 43 -15.78 6.04 20.88
CA ALA A 43 -15.51 7.24 20.06
C ALA A 43 -13.99 7.44 19.91
N SER A 44 -13.21 7.02 20.92
CA SER A 44 -11.73 7.09 20.97
C SER A 44 -11.12 6.38 19.75
N CYS A 45 -11.71 5.26 19.32
CA CYS A 45 -11.19 4.38 18.24
C CYS A 45 -12.02 4.53 16.95
N ILE A 46 -13.35 4.66 17.06
CA ILE A 46 -14.27 4.71 15.88
C ILE A 46 -15.48 5.60 16.19
N THR A 47 -16.02 6.27 15.17
CA THR A 47 -17.22 7.14 15.27
C THR A 47 -17.73 7.47 13.86
N TRP A 48 -18.87 8.16 13.77
CA TRP A 48 -19.54 8.58 12.51
C TRP A 48 -18.92 9.88 11.98
N GLU A 49 -19.17 10.19 10.70
CA GLU A 49 -18.96 11.52 10.07
C GLU A 49 -20.33 12.14 9.83
N GLY A 50 -20.94 11.90 8.67
CA GLY A 50 -22.38 12.14 8.41
C GLY A 50 -23.18 10.89 8.69
N THR A 51 -24.42 11.03 9.20
CA THR A 51 -25.31 9.90 9.59
C THR A 51 -25.96 9.29 8.33
N ASN A 52 -25.50 9.70 7.14
CA ASN A 52 -25.79 9.05 5.83
C ASN A 52 -25.27 7.61 5.86
N GLY A 53 -24.11 7.39 6.50
CA GLY A 53 -23.40 6.09 6.54
C GLY A 53 -21.92 6.28 6.83
N GLU A 54 -21.34 7.37 6.33
CA GLU A 54 -19.91 7.76 6.49
C GLU A 54 -19.48 7.60 7.95
N PHE A 55 -18.32 6.96 8.18
CA PHE A 55 -17.70 6.76 9.52
C PHE A 55 -16.17 6.68 9.38
N LYS A 56 -15.46 7.09 10.43
CA LYS A 56 -13.97 7.11 10.48
C LYS A 56 -13.49 6.31 11.70
N MET A 57 -12.35 5.62 11.54
CA MET A 57 -11.61 4.95 12.63
C MET A 57 -10.50 5.90 13.12
N THR A 58 -10.68 6.46 14.32
CA THR A 58 -9.78 7.48 14.94
C THR A 58 -8.58 6.78 15.60
N ASP A 59 -8.69 5.47 15.90
CA ASP A 59 -7.56 4.59 16.31
C ASP A 59 -7.68 3.27 15.54
N PRO A 60 -7.31 3.25 14.24
CA PRO A 60 -7.45 2.06 13.41
C PRO A 60 -6.94 0.77 14.08
N ASP A 61 -5.77 0.85 14.73
CA ASP A 61 -5.04 -0.32 15.27
C ASP A 61 -5.69 -0.79 16.58
N GLU A 62 -6.59 0.01 17.17
CA GLU A 62 -7.40 -0.38 18.35
C GLU A 62 -8.61 -1.20 17.88
N VAL A 63 -9.40 -0.63 16.96
CA VAL A 63 -10.54 -1.31 16.26
C VAL A 63 -10.08 -2.73 15.88
N ALA A 64 -8.95 -2.81 15.18
CA ALA A 64 -8.30 -4.08 14.73
C ALA A 64 -8.10 -5.01 15.94
N ARG A 65 -7.30 -4.57 16.92
CA ARG A 65 -6.92 -5.36 18.12
C ARG A 65 -8.18 -6.00 18.71
N ARG A 66 -9.27 -5.23 18.84
CA ARG A 66 -10.56 -5.68 19.41
C ARG A 66 -11.18 -6.74 18.48
N TRP A 67 -11.38 -6.39 17.21
CA TRP A 67 -12.00 -7.28 16.19
C TRP A 67 -11.33 -8.66 16.23
N GLY A 68 -10.00 -8.69 16.27
CA GLY A 68 -9.20 -9.92 16.40
C GLY A 68 -9.54 -10.68 17.68
N GLU A 69 -9.76 -9.95 18.79
CA GLU A 69 -10.09 -10.49 20.13
C GLU A 69 -11.45 -11.19 20.09
N ARG A 70 -12.46 -10.59 19.44
CA ARG A 70 -13.86 -11.08 19.38
C ARG A 70 -13.95 -12.31 18.47
N LYS A 71 -13.05 -12.43 17.49
CA LYS A 71 -12.96 -13.59 16.56
C LYS A 71 -11.98 -14.64 17.10
N SER A 72 -11.26 -14.31 18.18
CA SER A 72 -10.27 -15.19 18.85
C SER A 72 -9.14 -15.56 17.87
N LYS A 73 -8.53 -14.54 17.26
CA LYS A 73 -7.38 -14.67 16.33
C LYS A 73 -6.43 -13.50 16.54
N PRO A 74 -5.23 -13.72 17.15
CA PRO A 74 -4.24 -12.66 17.30
C PRO A 74 -3.65 -12.26 15.94
N ASN A 75 -2.64 -11.39 15.94
CA ASN A 75 -1.91 -10.94 14.72
C ASN A 75 -2.90 -10.22 13.79
N MET A 76 -4.01 -9.70 14.32
CA MET A 76 -5.07 -9.01 13.54
C MET A 76 -4.77 -7.51 13.55
N ASN A 77 -4.05 -7.03 12.52
CA ASN A 77 -3.66 -5.61 12.34
C ASN A 77 -4.78 -4.87 11.61
N TYR A 78 -4.52 -3.63 11.15
CA TYR A 78 -5.45 -2.82 10.33
C TYR A 78 -5.50 -3.38 8.90
N ASP A 79 -4.34 -3.57 8.26
CA ASP A 79 -4.21 -4.08 6.87
C ASP A 79 -5.13 -5.30 6.68
N LYS A 80 -5.11 -6.23 7.62
CA LYS A 80 -5.91 -7.49 7.58
C LYS A 80 -7.39 -7.16 7.74
N LEU A 81 -7.73 -6.16 8.57
CA LEU A 81 -9.12 -5.67 8.74
C LEU A 81 -9.54 -4.91 7.49
N SER A 82 -8.73 -3.95 7.07
CA SER A 82 -8.99 -3.09 5.88
C SER A 82 -9.24 -3.97 4.66
N ARG A 83 -8.38 -4.96 4.40
CA ARG A 83 -8.52 -5.90 3.26
C ARG A 83 -9.92 -6.53 3.31
N ALA A 84 -10.41 -6.87 4.51
CA ALA A 84 -11.74 -7.47 4.75
C ALA A 84 -12.83 -6.48 4.31
N LEU A 85 -12.65 -5.19 4.61
CA LEU A 85 -13.58 -4.09 4.22
C LEU A 85 -13.51 -3.90 2.70
N ARG A 86 -12.40 -4.28 2.09
CA ARG A 86 -12.12 -4.07 0.63
C ARG A 86 -12.93 -5.07 -0.20
N TYR A 87 -13.34 -6.19 0.40
CA TYR A 87 -14.21 -7.20 -0.25
C TYR A 87 -15.68 -6.77 -0.14
N TYR A 88 -15.99 -5.90 0.82
CA TYR A 88 -17.36 -5.34 1.05
C TYR A 88 -17.72 -4.35 -0.07
N TYR A 89 -16.73 -3.90 -0.85
CA TYR A 89 -16.92 -2.95 -1.99
C TYR A 89 -17.87 -3.57 -3.02
N ASP A 90 -17.60 -4.80 -3.47
CA ASP A 90 -18.29 -5.45 -4.62
C ASP A 90 -19.54 -6.19 -4.13
N LYS A 91 -19.56 -6.63 -2.87
CA LYS A 91 -20.77 -7.16 -2.18
C LYS A 91 -21.79 -6.03 -1.97
N ASN A 92 -21.32 -4.78 -1.97
CA ASN A 92 -22.13 -3.54 -1.83
C ASN A 92 -22.61 -3.39 -0.39
N ILE A 93 -21.90 -3.96 0.59
CA ILE A 93 -22.23 -3.81 2.04
C ILE A 93 -21.66 -2.47 2.53
N MET A 94 -20.54 -2.01 1.94
CA MET A 94 -19.95 -0.68 2.25
C MET A 94 -19.04 -0.21 1.12
N THR A 95 -18.71 1.09 1.11
CA THR A 95 -17.83 1.75 0.10
C THR A 95 -16.80 2.63 0.83
N LYS A 96 -15.72 2.99 0.14
CA LYS A 96 -14.64 3.89 0.63
C LYS A 96 -15.11 5.35 0.53
N VAL A 97 -14.64 6.21 1.43
CA VAL A 97 -14.77 7.70 1.32
C VAL A 97 -13.44 8.24 0.78
N HIS A 98 -13.42 8.68 -0.48
CA HIS A 98 -12.20 9.05 -1.24
C HIS A 98 -11.46 10.21 -0.56
N GLY A 99 -10.15 10.03 -0.34
CA GLY A 99 -9.25 11.03 0.25
C GLY A 99 -9.62 11.36 1.69
N LYS A 100 -9.90 10.35 2.52
CA LYS A 100 -10.14 10.51 3.97
C LYS A 100 -9.54 9.31 4.71
N ARG A 101 -8.44 9.53 5.42
CA ARG A 101 -7.64 8.48 6.11
C ARG A 101 -8.56 7.70 7.05
N TYR A 102 -8.72 6.39 6.82
CA TYR A 102 -9.43 5.43 7.70
C TYR A 102 -10.95 5.69 7.68
N ALA A 103 -11.47 6.28 6.60
CA ALA A 103 -12.90 6.65 6.46
C ALA A 103 -13.59 5.71 5.46
N TYR A 104 -14.71 5.12 5.88
CA TYR A 104 -15.57 4.21 5.07
C TYR A 104 -17.04 4.62 5.24
N LYS A 105 -17.90 4.16 4.34
CA LYS A 105 -19.35 4.49 4.29
C LYS A 105 -20.16 3.21 4.02
N PHE A 106 -21.08 2.85 4.92
CA PHE A 106 -22.01 1.72 4.79
C PHE A 106 -22.98 1.98 3.62
N ASP A 107 -23.45 0.91 2.98
CA ASP A 107 -24.50 0.96 1.93
C ASP A 107 -25.72 0.18 2.46
N ALA A 108 -26.79 0.91 2.80
CA ALA A 108 -28.03 0.38 3.42
C ALA A 108 -28.66 -0.69 2.50
N HIS A 109 -28.68 -0.43 1.18
CA HIS A 109 -29.27 -1.33 0.15
C HIS A 109 -28.51 -2.67 0.11
N GLY A 110 -27.23 -2.68 0.50
CA GLY A 110 -26.41 -3.91 0.62
C GLY A 110 -26.76 -4.70 1.85
N ILE A 111 -26.81 -4.03 3.01
CA ILE A 111 -27.22 -4.62 4.32
C ILE A 111 -28.65 -5.16 4.19
N ALA A 112 -29.48 -4.47 3.38
CA ALA A 112 -30.89 -4.85 3.10
C ALA A 112 -30.93 -6.28 2.53
N GLN A 113 -30.25 -6.52 1.41
CA GLN A 113 -30.23 -7.83 0.70
C GLN A 113 -29.75 -8.94 1.64
N ALA A 114 -28.74 -8.66 2.46
CA ALA A 114 -28.08 -9.63 3.37
C ALA A 114 -29.03 -10.02 4.51
N LEU A 115 -29.76 -9.05 5.09
CA LEU A 115 -30.73 -9.29 6.19
C LEU A 115 -32.02 -9.90 5.62
N GLN A 116 -32.58 -9.31 4.55
CA GLN A 116 -33.82 -9.79 3.87
C GLN A 116 -33.55 -9.97 2.37
N PRO A 117 -33.62 -11.21 1.82
CA PRO A 117 -33.44 -11.41 0.38
C PRO A 117 -34.74 -11.13 -0.39
N HIS A 118 -34.74 -10.08 -1.22
CA HIS A 118 -35.85 -9.70 -2.15
C HIS A 118 -35.34 -9.69 -3.59
N PRO A 119 -35.24 -10.85 -4.27
CA PRO A 119 -34.82 -10.89 -5.68
C PRO A 119 -35.82 -10.21 -6.61
N GLN B 26 -6.69 2.18 -11.17
CA GLN B 26 -7.00 3.64 -11.23
C GLN B 26 -6.20 4.28 -12.37
N ILE B 27 -6.38 5.59 -12.58
CA ILE B 27 -5.59 6.39 -13.56
C ILE B 27 -4.16 6.50 -13.01
N GLN B 28 -3.18 5.88 -13.67
CA GLN B 28 -1.75 5.97 -13.30
C GLN B 28 -1.18 7.28 -13.85
N LEU B 29 -0.22 7.88 -13.15
CA LEU B 29 0.40 9.18 -13.53
C LEU B 29 0.97 9.07 -14.94
N TRP B 30 1.86 8.10 -15.17
CA TRP B 30 2.56 7.90 -16.47
C TRP B 30 1.54 7.84 -17.61
N GLN B 31 0.33 7.33 -17.36
CA GLN B 31 -0.79 7.28 -18.34
C GLN B 31 -1.42 8.68 -18.48
N PHE B 32 -1.71 9.33 -17.34
CA PHE B 32 -2.40 10.65 -17.25
C PHE B 32 -1.55 11.74 -17.94
N LEU B 33 -0.22 11.54 -18.05
CA LEU B 33 0.69 12.45 -18.80
C LEU B 33 0.49 12.25 -20.30
N LEU B 34 0.38 11.00 -20.77
CA LEU B 34 0.10 10.65 -22.18
C LEU B 34 -1.32 11.11 -22.55
N GLU B 35 -2.20 11.25 -21.55
CA GLU B 35 -3.58 11.78 -21.71
C GLU B 35 -3.53 13.24 -22.19
N LEU B 36 -2.55 14.02 -21.71
CA LEU B 36 -2.41 15.48 -21.95
C LEU B 36 -1.42 15.76 -23.08
N LEU B 37 -0.38 14.93 -23.23
CA LEU B 37 0.62 15.03 -24.32
C LEU B 37 -0.05 14.82 -25.68
N SER B 38 -0.98 13.86 -25.75
CA SER B 38 -1.76 13.50 -26.97
C SER B 38 -2.58 14.70 -27.45
N ASP B 39 -3.22 15.41 -26.53
CA ASP B 39 -4.01 16.64 -26.80
C ASP B 39 -3.06 17.83 -26.92
N SER B 40 -2.89 18.39 -28.14
CA SER B 40 -2.01 19.54 -28.45
C SER B 40 -2.64 20.85 -27.94
N ALA B 41 -3.91 20.82 -27.53
CA ALA B 41 -4.65 21.94 -26.90
C ALA B 41 -4.14 22.18 -25.47
N ASN B 42 -3.55 21.15 -24.85
CA ASN B 42 -2.97 21.20 -23.48
C ASN B 42 -1.46 21.44 -23.56
N ALA B 43 -1.00 22.18 -24.56
CA ALA B 43 0.43 22.51 -24.79
C ALA B 43 0.88 23.61 -23.81
N SER B 44 -0.08 24.27 -23.15
CA SER B 44 0.15 25.36 -22.15
C SER B 44 0.91 24.82 -20.93
N CYS B 45 0.61 23.59 -20.50
CA CYS B 45 1.20 22.96 -19.29
C CYS B 45 2.27 21.94 -19.67
N ILE B 46 2.04 21.11 -20.70
CA ILE B 46 2.94 19.99 -21.10
C ILE B 46 2.92 19.86 -22.63
N THR B 47 4.03 19.41 -23.21
CA THR B 47 4.20 19.22 -24.68
C THR B 47 5.49 18.45 -24.96
N TRP B 48 5.58 17.79 -26.12
CA TRP B 48 6.78 17.05 -26.59
C TRP B 48 7.88 18.05 -26.93
N GLU B 49 9.12 17.57 -27.05
CA GLU B 49 10.31 18.39 -27.42
C GLU B 49 11.21 17.56 -28.35
N GLY B 50 10.60 16.77 -29.23
CA GLY B 50 11.30 15.94 -30.24
C GLY B 50 12.13 14.83 -29.60
N THR B 51 13.43 14.81 -29.90
CA THR B 51 14.39 13.71 -29.57
C THR B 51 13.72 12.38 -29.92
N ASN B 52 13.49 11.50 -28.94
CA ASN B 52 12.75 10.22 -29.12
C ASN B 52 11.86 9.99 -27.90
N GLY B 53 10.58 10.34 -27.99
CA GLY B 53 9.59 10.22 -26.91
C GLY B 53 9.89 11.16 -25.75
N GLU B 54 10.64 12.24 -26.02
CA GLU B 54 11.06 13.24 -25.00
C GLU B 54 9.96 14.29 -24.87
N PHE B 55 9.70 14.76 -23.65
CA PHE B 55 8.62 15.73 -23.35
C PHE B 55 9.04 16.69 -22.23
N LYS B 56 8.39 17.85 -22.15
CA LYS B 56 8.64 18.92 -21.16
C LYS B 56 7.32 19.37 -20.53
N MET B 57 7.36 19.76 -19.25
CA MET B 57 6.27 20.47 -18.54
C MET B 57 6.57 21.97 -18.57
N THR B 58 5.85 22.74 -19.40
CA THR B 58 6.03 24.20 -19.59
C THR B 58 5.43 24.97 -18.41
N ASP B 59 4.32 24.46 -17.84
CA ASP B 59 3.66 25.01 -16.62
C ASP B 59 3.59 23.90 -15.57
N PRO B 60 4.72 23.58 -14.89
CA PRO B 60 4.77 22.49 -13.91
C PRO B 60 3.60 22.45 -12.92
N ASP B 61 3.27 23.59 -12.29
CA ASP B 61 2.18 23.72 -11.29
C ASP B 61 0.88 23.19 -11.91
N GLU B 62 0.51 23.70 -13.10
CA GLU B 62 -0.75 23.39 -13.81
C GLU B 62 -0.93 21.87 -13.92
N VAL B 63 0.12 21.15 -14.36
CA VAL B 63 0.13 19.67 -14.50
C VAL B 63 -0.34 19.06 -13.17
N ALA B 64 0.38 19.37 -12.08
CA ALA B 64 0.14 18.85 -10.72
C ALA B 64 -1.28 19.22 -10.26
N ARG B 65 -1.72 20.43 -10.57
CA ARG B 65 -3.05 20.96 -10.19
C ARG B 65 -4.14 20.00 -10.68
N ARG B 66 -4.06 19.55 -11.93
CA ARG B 66 -5.06 18.65 -12.59
C ARG B 66 -5.00 17.26 -11.95
N TRP B 67 -3.81 16.63 -11.98
CA TRP B 67 -3.51 15.31 -11.35
C TRP B 67 -3.94 15.34 -9.87
N GLY B 68 -3.99 16.54 -9.28
CA GLY B 68 -4.61 16.79 -7.96
C GLY B 68 -6.10 16.50 -7.99
N GLU B 69 -6.88 17.33 -8.67
CA GLU B 69 -8.37 17.23 -8.77
C GLU B 69 -8.79 15.86 -9.31
N ARG B 70 -8.00 15.29 -10.22
CA ARG B 70 -8.24 13.97 -10.87
C ARG B 70 -8.35 12.87 -9.80
N LYS B 71 -7.59 12.99 -8.70
CA LYS B 71 -7.48 11.97 -7.63
C LYS B 71 -8.01 12.54 -6.30
N SER B 72 -8.82 13.60 -6.35
CA SER B 72 -9.39 14.31 -5.16
C SER B 72 -8.27 14.80 -4.24
N LYS B 73 -7.23 15.41 -4.80
CA LYS B 73 -5.99 15.84 -4.10
C LYS B 73 -5.86 17.36 -4.19
N PRO B 74 -6.17 18.12 -3.12
CA PRO B 74 -6.02 19.57 -3.14
C PRO B 74 -4.56 20.02 -2.94
N ASN B 75 -3.71 19.16 -2.36
CA ASN B 75 -2.33 19.50 -1.93
C ASN B 75 -1.32 19.14 -3.04
N MET B 76 -1.55 18.04 -3.77
CA MET B 76 -0.66 17.54 -4.86
C MET B 76 -0.01 18.72 -5.57
N ASN B 77 1.32 18.86 -5.43
CA ASN B 77 2.17 19.90 -6.07
C ASN B 77 3.13 19.21 -7.04
N TYR B 78 4.11 19.94 -7.59
CA TYR B 78 5.15 19.37 -8.50
C TYR B 78 6.10 18.46 -7.72
N ASP B 79 6.52 18.87 -6.52
CA ASP B 79 7.42 18.08 -5.63
C ASP B 79 6.82 16.68 -5.44
N LYS B 80 5.57 16.61 -4.99
CA LYS B 80 4.84 15.33 -4.72
C LYS B 80 4.67 14.56 -6.04
N LEU B 81 4.47 15.26 -7.15
CA LEU B 81 4.34 14.66 -8.50
C LEU B 81 5.71 14.15 -8.95
N SER B 82 6.74 14.99 -8.91
CA SER B 82 8.12 14.65 -9.34
C SER B 82 8.55 13.37 -8.63
N ARG B 83 8.27 13.24 -7.32
CA ARG B 83 8.58 12.03 -6.53
C ARG B 83 8.01 10.81 -7.26
N ALA B 84 6.71 10.85 -7.57
CA ALA B 84 5.99 9.80 -8.32
C ALA B 84 6.79 9.45 -9.59
N LEU B 85 7.29 10.47 -10.29
CA LEU B 85 8.06 10.30 -11.57
C LEU B 85 9.40 9.65 -11.28
N ARG B 86 10.08 10.04 -10.20
CA ARG B 86 11.43 9.55 -9.85
C ARG B 86 11.40 8.05 -9.56
N TYR B 87 10.27 7.51 -9.08
CA TYR B 87 10.07 6.05 -8.85
C TYR B 87 10.16 5.32 -10.20
N TYR B 88 9.80 5.99 -11.30
CA TYR B 88 9.82 5.43 -12.67
C TYR B 88 11.26 5.28 -13.16
N TYR B 89 12.23 5.99 -12.57
CA TYR B 89 13.67 5.83 -12.89
C TYR B 89 14.09 4.39 -12.58
N ASP B 90 13.56 3.85 -11.48
CA ASP B 90 13.88 2.49 -10.95
C ASP B 90 13.00 1.45 -11.66
N LYS B 91 11.70 1.73 -11.82
CA LYS B 91 10.74 0.87 -12.58
C LYS B 91 11.19 0.78 -14.04
N ASN B 92 12.05 1.70 -14.49
CA ASN B 92 12.70 1.72 -15.83
C ASN B 92 11.66 2.08 -16.91
N ILE B 93 10.64 2.87 -16.56
CA ILE B 93 9.59 3.36 -17.50
C ILE B 93 10.15 4.60 -18.21
N MET B 94 10.30 5.71 -17.49
CA MET B 94 10.86 6.98 -18.04
C MET B 94 12.13 7.37 -17.27
N THR B 95 12.90 8.30 -17.84
CA THR B 95 14.18 8.82 -17.29
C THR B 95 14.14 10.35 -17.36
N LYS B 96 14.92 11.03 -16.52
CA LYS B 96 15.01 12.52 -16.45
C LYS B 96 16.05 13.00 -17.45
N VAL B 97 15.68 14.00 -18.27
CA VAL B 97 16.58 14.66 -19.27
C VAL B 97 17.43 15.69 -18.53
N HIS B 98 18.74 15.44 -18.46
CA HIS B 98 19.73 16.15 -17.60
C HIS B 98 19.86 17.62 -18.06
N GLY B 99 19.92 18.54 -17.10
CA GLY B 99 20.03 19.99 -17.35
C GLY B 99 18.67 20.59 -17.64
N LYS B 100 18.03 20.15 -18.73
CA LYS B 100 16.71 20.65 -19.21
C LYS B 100 15.70 20.60 -18.07
N ARG B 101 15.11 21.76 -17.72
CA ARG B 101 14.18 21.92 -16.58
C ARG B 101 12.81 21.33 -16.94
N TYR B 102 12.27 20.49 -16.05
CA TYR B 102 10.95 19.80 -16.18
C TYR B 102 10.98 18.89 -17.40
N ALA B 103 12.12 18.22 -17.61
CA ALA B 103 12.41 17.41 -18.81
C ALA B 103 12.49 15.92 -18.42
N TYR B 104 11.50 15.14 -18.88
CA TYR B 104 11.39 13.67 -18.66
C TYR B 104 11.20 12.98 -20.00
N LYS B 105 11.96 11.91 -20.25
CA LYS B 105 11.96 11.13 -21.52
C LYS B 105 11.58 9.67 -21.21
N PHE B 106 10.52 9.16 -21.84
CA PHE B 106 10.11 7.72 -21.78
C PHE B 106 11.24 6.87 -22.38
N ASP B 107 11.53 5.71 -21.77
CA ASP B 107 12.64 4.80 -22.17
C ASP B 107 12.06 3.56 -22.87
N ALA B 108 12.22 3.50 -24.21
CA ALA B 108 11.73 2.40 -25.06
C ALA B 108 12.33 1.07 -24.59
N HIS B 109 13.65 0.95 -24.62
CA HIS B 109 14.42 -0.25 -24.18
C HIS B 109 13.95 -0.65 -22.78
N GLY B 110 13.91 0.34 -21.87
CA GLY B 110 13.39 0.18 -20.50
C GLY B 110 12.05 -0.53 -20.49
N ILE B 111 11.10 -0.03 -21.28
CA ILE B 111 9.71 -0.59 -21.39
C ILE B 111 9.78 -1.94 -22.13
N ALA B 112 10.66 -2.07 -23.13
CA ALA B 112 10.82 -3.28 -23.97
C ALA B 112 11.40 -4.44 -23.15
N GLN B 113 12.29 -4.14 -22.19
CA GLN B 113 12.95 -5.16 -21.32
C GLN B 113 11.98 -5.59 -20.20
N ALA B 114 10.81 -4.94 -20.12
CA ALA B 114 9.75 -5.24 -19.12
C ALA B 114 8.63 -6.09 -19.73
N LEU B 115 8.52 -6.15 -21.06
CA LEU B 115 7.50 -6.98 -21.77
C LEU B 115 8.17 -7.99 -22.71
N GLN B 116 9.50 -8.17 -22.61
CA GLN B 116 10.28 -9.19 -23.35
C GLN B 116 11.48 -9.62 -22.49
N PRO B 117 11.25 -9.95 -21.20
CA PRO B 117 12.37 -10.22 -20.28
C PRO B 117 13.07 -11.56 -20.57
N HIS B 118 14.38 -11.61 -20.30
CA HIS B 118 15.25 -12.82 -20.40
C HIS B 118 15.97 -13.01 -19.07
N PRO B 119 15.28 -13.47 -18.00
CA PRO B 119 15.85 -13.55 -16.66
C PRO B 119 17.27 -14.17 -16.62
N SER C 17 14.22 -19.04 8.15
CA SER C 17 14.46 -19.92 9.34
C SER C 17 14.35 -21.40 8.92
N ARG C 18 15.16 -22.26 9.52
CA ARG C 18 15.19 -23.73 9.26
C ARG C 18 13.95 -24.39 9.89
N LEU C 19 13.32 -23.73 10.86
CA LEU C 19 12.14 -24.24 11.62
C LEU C 19 10.83 -23.94 10.87
N ALA C 20 10.91 -23.28 9.70
CA ALA C 20 9.76 -22.95 8.82
C ALA C 20 8.76 -24.12 8.81
N ASN C 21 9.22 -25.31 8.39
CA ASN C 21 8.41 -26.56 8.37
C ASN C 21 8.70 -27.36 9.65
N GLY C 25 2.04 -22.90 1.74
CA GLY C 25 2.12 -21.62 1.02
C GLY C 25 3.51 -21.36 0.47
N GLN C 26 3.71 -20.18 -0.14
CA GLN C 26 4.99 -19.78 -0.78
C GLN C 26 5.98 -19.27 0.28
N ILE C 27 7.23 -19.03 -0.12
CA ILE C 27 8.29 -18.42 0.71
C ILE C 27 7.80 -17.01 1.08
N GLN C 28 7.96 -16.59 2.34
CA GLN C 28 7.68 -15.20 2.78
C GLN C 28 8.98 -14.41 2.78
N LEU C 29 8.91 -13.10 2.56
CA LEU C 29 10.11 -12.24 2.39
C LEU C 29 11.04 -12.41 3.60
N TRP C 30 10.51 -12.22 4.82
CA TRP C 30 11.29 -12.29 6.08
C TRP C 30 12.08 -13.61 6.13
N GLN C 31 11.47 -14.71 5.64
CA GLN C 31 12.13 -16.04 5.51
C GLN C 31 13.26 -15.94 4.49
N PHE C 32 12.91 -15.66 3.22
CA PHE C 32 13.84 -15.64 2.05
C PHE C 32 15.12 -14.88 2.40
N LEU C 33 15.01 -13.79 3.16
CA LEU C 33 16.16 -12.94 3.56
C LEU C 33 17.10 -13.73 4.47
N LEU C 34 16.57 -14.51 5.42
CA LEU C 34 17.36 -15.34 6.37
C LEU C 34 18.11 -16.44 5.62
N GLU C 35 17.58 -16.87 4.46
CA GLU C 35 18.23 -17.85 3.56
C GLU C 35 19.53 -17.24 2.99
N LEU C 36 19.46 -15.99 2.53
CA LEU C 36 20.62 -15.26 1.96
C LEU C 36 21.60 -14.88 3.07
N LEU C 37 21.09 -14.54 4.25
CA LEU C 37 21.91 -14.06 5.41
C LEU C 37 22.79 -15.20 5.95
N SER C 38 22.26 -16.44 5.98
CA SER C 38 22.96 -17.64 6.51
C SER C 38 24.28 -17.85 5.76
N ASP C 39 24.25 -17.83 4.42
CA ASP C 39 25.42 -17.98 3.53
C ASP C 39 26.11 -16.61 3.35
N SER C 40 27.43 -16.56 3.51
CA SER C 40 28.27 -15.34 3.39
C SER C 40 28.78 -15.16 1.95
N ALA C 41 28.46 -16.11 1.05
CA ALA C 41 28.69 -16.00 -0.40
C ALA C 41 27.89 -14.82 -0.96
N ASN C 42 26.78 -14.48 -0.31
CA ASN C 42 25.85 -13.39 -0.71
C ASN C 42 26.12 -12.14 0.13
N ALA C 43 27.29 -12.05 0.77
CA ALA C 43 27.73 -10.89 1.60
C ALA C 43 27.80 -9.62 0.74
N SER C 44 27.90 -9.78 -0.59
CA SER C 44 27.94 -8.70 -1.61
C SER C 44 26.73 -7.77 -1.48
N CYS C 45 25.51 -8.33 -1.45
CA CYS C 45 24.22 -7.58 -1.49
C CYS C 45 23.59 -7.47 -0.11
N ILE C 46 23.70 -8.49 0.74
CA ILE C 46 23.10 -8.53 2.11
C ILE C 46 24.08 -9.20 3.08
N THR C 47 24.07 -8.77 4.34
CA THR C 47 25.00 -9.23 5.40
C THR C 47 24.55 -8.68 6.77
N TRP C 48 24.94 -9.34 7.85
CA TRP C 48 24.64 -8.93 9.25
C TRP C 48 25.46 -7.68 9.60
N GLU C 49 25.09 -6.99 10.69
CA GLU C 49 25.80 -5.77 11.20
C GLU C 49 25.68 -5.77 12.72
N GLY C 50 26.48 -6.59 13.40
CA GLY C 50 26.49 -6.75 14.87
C GLY C 50 25.42 -7.73 15.32
N THR C 51 25.40 -8.03 16.63
CA THR C 51 24.47 -9.01 17.26
C THR C 51 23.06 -8.41 17.34
N ASN C 52 22.09 -9.23 17.76
CA ASN C 52 20.66 -8.87 17.95
C ASN C 52 19.95 -8.78 16.58
N GLY C 53 20.57 -9.32 15.53
CA GLY C 53 19.93 -9.54 14.22
C GLY C 53 19.85 -8.27 13.37
N GLU C 54 20.57 -7.21 13.74
CA GLU C 54 20.78 -6.00 12.89
C GLU C 54 21.46 -6.45 11.60
N PHE C 55 20.77 -6.33 10.46
CA PHE C 55 21.30 -6.68 9.11
C PHE C 55 21.17 -5.47 8.19
N LYS C 56 22.02 -5.43 7.16
CA LYS C 56 22.10 -4.33 6.16
C LYS C 56 22.10 -4.94 4.75
N MET C 57 21.46 -4.25 3.81
CA MET C 57 21.50 -4.59 2.36
C MET C 57 22.57 -3.72 1.69
N THR C 58 23.68 -4.34 1.31
CA THR C 58 24.87 -3.68 0.69
C THR C 58 24.64 -3.47 -0.81
N ASP C 59 23.58 -4.05 -1.37
CA ASP C 59 23.13 -3.82 -2.78
C ASP C 59 21.63 -4.07 -2.87
N PRO C 60 20.78 -3.12 -2.38
CA PRO C 60 19.34 -3.34 -2.32
C PRO C 60 18.78 -3.80 -3.68
N ASP C 61 19.30 -3.24 -4.77
CA ASP C 61 18.91 -3.56 -6.16
C ASP C 61 18.99 -5.07 -6.39
N GLU C 62 20.12 -5.68 -6.00
CA GLU C 62 20.39 -7.14 -6.19
C GLU C 62 19.36 -7.96 -5.40
N VAL C 63 19.25 -7.71 -4.09
CA VAL C 63 18.30 -8.40 -3.17
C VAL C 63 16.93 -8.46 -3.84
N ALA C 64 16.36 -7.29 -4.15
CA ALA C 64 15.05 -7.13 -4.82
C ALA C 64 14.94 -8.08 -6.01
N ARG C 65 15.94 -8.05 -6.89
CA ARG C 65 15.95 -8.80 -8.19
C ARG C 65 15.79 -10.30 -7.92
N ARG C 66 16.45 -10.82 -6.87
CA ARG C 66 16.39 -12.26 -6.49
C ARG C 66 15.00 -12.60 -5.95
N TRP C 67 14.48 -11.77 -5.04
CA TRP C 67 13.12 -11.90 -4.47
C TRP C 67 12.10 -11.93 -5.61
N GLY C 68 12.41 -11.28 -6.74
CA GLY C 68 11.67 -11.40 -8.00
C GLY C 68 11.85 -12.77 -8.62
N GLU C 69 13.09 -13.23 -8.75
CA GLU C 69 13.46 -14.56 -9.32
C GLU C 69 12.73 -15.68 -8.56
N ARG C 70 12.64 -15.55 -7.23
CA ARG C 70 12.08 -16.59 -6.31
C ARG C 70 10.56 -16.63 -6.42
N LYS C 71 9.91 -15.47 -6.62
CA LYS C 71 8.44 -15.31 -6.65
C LYS C 71 7.94 -15.17 -8.09
N SER C 72 8.82 -15.35 -9.08
CA SER C 72 8.54 -15.12 -10.53
C SER C 72 7.83 -13.78 -10.71
N LYS C 73 8.58 -12.69 -10.64
CA LYS C 73 8.07 -11.29 -10.69
C LYS C 73 9.23 -10.37 -11.09
N PRO C 74 9.60 -10.30 -12.39
CA PRO C 74 10.83 -9.65 -12.80
C PRO C 74 10.88 -8.14 -12.46
N ASN C 75 9.72 -7.54 -12.23
CA ASN C 75 9.55 -6.08 -12.01
C ASN C 75 10.07 -5.67 -10.63
N MET C 76 10.16 -6.61 -9.67
CA MET C 76 10.44 -6.31 -8.24
C MET C 76 11.63 -5.34 -8.12
N ASN C 77 11.43 -4.24 -7.40
CA ASN C 77 12.46 -3.23 -7.08
C ASN C 77 12.27 -2.80 -5.62
N TYR C 78 13.30 -2.21 -5.01
CA TYR C 78 13.33 -1.90 -3.56
C TYR C 78 11.97 -1.34 -3.12
N ASP C 79 11.48 -0.27 -3.77
CA ASP C 79 10.22 0.43 -3.39
C ASP C 79 9.15 -0.59 -3.01
N LYS C 80 8.95 -1.61 -3.85
CA LYS C 80 7.89 -2.64 -3.67
C LYS C 80 8.33 -3.64 -2.60
N LEU C 81 9.58 -4.12 -2.65
CA LEU C 81 10.15 -4.99 -1.59
C LEU C 81 10.06 -4.25 -0.26
N SER C 82 10.72 -3.10 -0.14
CA SER C 82 10.79 -2.28 1.09
C SER C 82 9.40 -2.10 1.70
N ARG C 83 8.38 -1.85 0.86
CA ARG C 83 6.98 -1.68 1.31
C ARG C 83 6.55 -2.93 2.08
N ALA C 84 6.96 -4.10 1.59
CA ALA C 84 6.65 -5.41 2.21
C ALA C 84 7.23 -5.45 3.62
N LEU C 85 8.50 -5.05 3.78
CA LEU C 85 9.19 -5.02 5.09
C LEU C 85 8.39 -4.14 6.06
N ARG C 86 7.90 -3.00 5.58
CA ARG C 86 7.25 -1.97 6.43
C ARG C 86 5.89 -2.47 6.94
N TYR C 87 5.32 -3.53 6.34
CA TYR C 87 4.09 -4.20 6.84
C TYR C 87 4.44 -5.07 8.07
N TYR C 88 5.72 -5.41 8.24
CA TYR C 88 6.22 -6.29 9.34
C TYR C 88 6.39 -5.49 10.64
N TYR C 89 6.13 -4.18 10.64
CA TYR C 89 6.22 -3.33 11.85
C TYR C 89 5.06 -3.66 12.80
N ASP C 90 3.89 -4.02 12.26
CA ASP C 90 2.67 -4.38 13.04
C ASP C 90 2.68 -5.89 13.35
N LYS C 91 3.36 -6.69 12.53
CA LYS C 91 3.61 -8.13 12.80
C LYS C 91 4.77 -8.24 13.83
N ASN C 92 5.57 -7.19 13.96
CA ASN C 92 6.74 -7.10 14.88
C ASN C 92 7.79 -8.14 14.49
N ILE C 93 7.79 -8.56 13.23
CA ILE C 93 8.71 -9.60 12.68
C ILE C 93 10.11 -8.97 12.51
N MET C 94 10.19 -7.71 12.06
CA MET C 94 11.46 -6.96 11.97
C MET C 94 11.20 -5.45 12.06
N THR C 95 12.26 -4.69 12.34
CA THR C 95 12.22 -3.25 12.71
C THR C 95 13.27 -2.49 11.90
N LYS C 96 13.06 -1.19 11.70
CA LYS C 96 14.00 -0.30 10.96
C LYS C 96 15.07 0.21 11.94
N VAL C 97 16.34 0.13 11.54
CA VAL C 97 17.49 0.76 12.26
C VAL C 97 17.59 2.20 11.78
N HIS C 98 17.13 3.14 12.59
CA HIS C 98 16.88 4.57 12.21
C HIS C 98 18.15 5.21 11.68
N GLY C 99 19.28 5.00 12.36
CA GLY C 99 20.60 5.52 11.95
C GLY C 99 20.97 5.07 10.55
N LYS C 100 21.11 3.76 10.34
CA LYS C 100 21.80 3.16 9.17
C LYS C 100 20.83 3.09 7.98
N ARG C 101 21.33 3.36 6.76
CA ARG C 101 20.56 3.32 5.50
C ARG C 101 20.50 1.86 5.01
N TYR C 102 19.31 1.41 4.60
CA TYR C 102 19.03 0.04 4.09
C TYR C 102 19.31 -1.02 5.18
N ALA C 103 19.12 -0.66 6.45
CA ALA C 103 19.40 -1.52 7.62
C ALA C 103 18.11 -1.83 8.39
N TYR C 104 17.78 -3.12 8.51
CA TYR C 104 16.60 -3.64 9.25
C TYR C 104 17.09 -4.63 10.31
N LYS C 105 16.43 -4.66 11.47
CA LYS C 105 16.74 -5.54 12.63
C LYS C 105 15.59 -6.53 12.82
N PHE C 106 15.90 -7.83 12.89
CA PHE C 106 14.91 -8.91 13.15
C PHE C 106 14.47 -8.86 14.62
N ASP C 107 13.33 -9.50 14.91
CA ASP C 107 12.75 -9.64 16.27
C ASP C 107 12.37 -11.11 16.47
N ALA C 108 13.19 -11.85 17.21
CA ALA C 108 13.02 -13.31 17.50
C ALA C 108 11.60 -13.57 18.01
N HIS C 109 11.18 -12.85 19.06
CA HIS C 109 9.84 -12.98 19.70
C HIS C 109 8.75 -12.77 18.65
N GLY C 110 8.97 -11.81 17.73
CA GLY C 110 8.06 -11.52 16.61
C GLY C 110 7.79 -12.76 15.79
N ILE C 111 8.83 -13.36 15.21
CA ILE C 111 8.73 -14.56 14.32
C ILE C 111 8.26 -15.75 15.14
N ALA C 112 8.55 -15.76 16.45
CA ALA C 112 8.08 -16.79 17.40
C ALA C 112 6.56 -16.72 17.52
N GLN C 113 6.03 -15.52 17.78
CA GLN C 113 4.58 -15.25 17.93
C GLN C 113 3.88 -15.46 16.58
N ALA C 114 4.60 -15.26 15.47
CA ALA C 114 4.12 -15.43 14.09
C ALA C 114 3.92 -16.93 13.77
N LEU C 115 4.70 -17.81 14.42
CA LEU C 115 4.72 -19.27 14.13
C LEU C 115 3.82 -20.02 15.11
N GLN C 116 3.93 -19.74 16.41
CA GLN C 116 3.14 -20.41 17.48
C GLN C 116 2.38 -19.35 18.27
N PRO C 117 1.39 -18.66 17.66
CA PRO C 117 0.67 -17.57 18.34
C PRO C 117 -0.12 -18.07 19.56
N HIS C 118 -0.10 -17.29 20.65
CA HIS C 118 -0.79 -17.59 21.93
C HIS C 118 -1.71 -16.42 22.29
N PRO C 119 -3.05 -16.63 22.32
CA PRO C 119 -4.00 -15.53 22.54
C PRO C 119 -3.96 -14.99 23.97
#